data_2B3D
#
_entry.id   2B3D
#
_cell.length_a   48.626
_cell.length_b   84.105
_cell.length_c   55.490
_cell.angle_alpha   90.00
_cell.angle_beta   110.95
_cell.angle_gamma   90.00
#
_symmetry.space_group_name_H-M   'P 1 21 1'
#
loop_
_entity.id
_entity.type
_entity.pdbx_description
1 polymer 'Modulator of drug activity B'
2 non-polymer 'FLAVIN-ADENINE DINUCLEOTIDE'
3 water water
#
_entity_poly.entity_id   1
_entity_poly.type   'polypeptide(L)'
_entity_poly.pdbx_seq_one_letter_code
;MGSSHHHHHHGSSNILIINGAKKFAHSNGQLNDTLTEVADGTLRDLGHDVRIVRADSDYDVKAEVQNFLWADVVIWQMPG
WWMGAPWTVKKYIDDVFTEGHGTLYASDGRTRKDPSKKYGSGGLVQGKKYMLSLTWNAPMEAFTEKDQFFHGVGVDGVYL
PFHKANQFLGMEPLPTFIANDVIKMPDVPRYTEEYRKHLVEIFG
;
_entity_poly.pdbx_strand_id   A,B
#
# COMPACT_ATOMS: atom_id res chain seq x y z
N SER A 12 18.77 12.69 -22.72
CA SER A 12 19.53 11.42 -22.53
C SER A 12 19.68 11.15 -21.03
N SER A 13 18.73 10.41 -20.48
CA SER A 13 18.72 10.11 -19.05
C SER A 13 18.86 8.64 -18.68
N ASN A 14 19.20 8.41 -17.42
CA ASN A 14 19.34 7.07 -16.86
C ASN A 14 17.95 6.67 -16.38
N ILE A 15 17.46 5.53 -16.84
CA ILE A 15 16.14 5.09 -16.42
C ILE A 15 16.19 3.74 -15.74
N LEU A 16 15.62 3.66 -14.54
CA LEU A 16 15.58 2.42 -13.78
C LEU A 16 14.16 1.88 -13.82
N ILE A 17 14.00 0.69 -14.38
CA ILE A 17 12.68 0.09 -14.44
C ILE A 17 12.60 -1.01 -13.39
N ILE A 18 11.63 -0.87 -12.50
CA ILE A 18 11.44 -1.89 -11.49
C ILE A 18 10.20 -2.68 -11.91
N ASN A 19 10.44 -3.89 -12.38
CA ASN A 19 9.35 -4.76 -12.85
C ASN A 19 8.76 -5.54 -11.69
N GLY A 20 7.53 -5.22 -11.33
CA GLY A 20 6.86 -5.91 -10.24
C GLY A 20 6.11 -7.15 -10.70
N ALA A 21 6.44 -7.67 -11.88
CA ALA A 21 5.78 -8.86 -12.41
C ALA A 21 5.90 -10.04 -11.45
N LYS A 22 4.85 -10.84 -11.36
CA LYS A 22 4.90 -12.00 -10.47
C LYS A 22 3.76 -13.00 -10.72
N LYS A 23 4.13 -14.23 -11.04
CA LYS A 23 3.17 -15.30 -11.30
C LYS A 23 2.57 -15.82 -9.98
N PHE A 24 1.26 -15.76 -9.85
CA PHE A 24 0.56 -16.21 -8.64
C PHE A 24 -0.94 -16.01 -8.78
N ALA A 25 -1.70 -17.05 -8.44
CA ALA A 25 -3.16 -17.00 -8.49
C ALA A 25 -3.76 -16.01 -9.49
N HIS A 26 -3.95 -16.45 -10.74
CA HIS A 26 -4.52 -15.60 -11.79
C HIS A 26 -3.53 -14.66 -12.47
N SER A 27 -2.52 -14.21 -11.72
CA SER A 27 -1.51 -13.32 -12.30
C SER A 27 -0.34 -14.18 -12.79
N ASN A 28 0.03 -13.99 -14.05
CA ASN A 28 1.12 -14.74 -14.64
C ASN A 28 2.33 -13.86 -14.86
N GLY A 29 2.13 -12.55 -14.72
CA GLY A 29 3.21 -11.60 -14.89
C GLY A 29 3.69 -11.40 -16.32
N GLN A 30 3.01 -12.00 -17.30
CA GLN A 30 3.41 -11.86 -18.69
C GLN A 30 3.18 -10.44 -19.22
N LEU A 31 2.05 -9.84 -18.88
CA LEU A 31 1.77 -8.50 -19.35
C LEU A 31 2.79 -7.49 -18.84
N ASN A 32 3.16 -7.59 -17.55
CA ASN A 32 4.14 -6.66 -17.00
C ASN A 32 5.55 -6.89 -17.55
N ASP A 33 5.89 -8.13 -17.85
CA ASP A 33 7.20 -8.43 -18.44
C ASP A 33 7.19 -7.80 -19.83
N THR A 34 6.07 -7.95 -20.52
CA THR A 34 5.91 -7.39 -21.86
C THR A 34 6.09 -5.88 -21.82
N LEU A 35 5.32 -5.21 -20.98
CA LEU A 35 5.39 -3.77 -20.89
C LEU A 35 6.75 -3.28 -20.42
N THR A 36 7.44 -4.08 -19.62
CA THR A 36 8.76 -3.70 -19.16
C THR A 36 9.63 -3.73 -20.40
N GLU A 37 9.47 -4.77 -21.21
CA GLU A 37 10.23 -4.91 -22.44
C GLU A 37 9.88 -3.79 -23.41
N VAL A 38 8.61 -3.37 -23.42
CA VAL A 38 8.19 -2.28 -24.30
C VAL A 38 8.88 -0.99 -23.86
N ALA A 39 8.96 -0.78 -22.55
CA ALA A 39 9.61 0.42 -22.06
C ALA A 39 11.12 0.38 -22.37
N ASP A 40 11.75 -0.74 -22.09
CA ASP A 40 13.17 -0.90 -22.34
C ASP A 40 13.58 -0.57 -23.79
N GLY A 41 12.81 -1.06 -24.74
CA GLY A 41 13.13 -0.79 -26.14
C GLY A 41 12.80 0.62 -26.56
N THR A 42 11.60 1.09 -26.23
CA THR A 42 11.20 2.44 -26.59
C THR A 42 12.17 3.46 -26.00
N LEU A 43 12.45 3.33 -24.70
CA LEU A 43 13.32 4.26 -24.01
C LEU A 43 14.75 4.29 -24.56
N ARG A 44 15.32 3.14 -24.83
CA ARG A 44 16.68 3.10 -25.38
C ARG A 44 16.69 3.71 -26.79
N ASP A 45 15.60 3.51 -27.54
CA ASP A 45 15.50 4.08 -28.88
C ASP A 45 15.31 5.60 -28.82
N LEU A 46 14.99 6.10 -27.63
CA LEU A 46 14.82 7.54 -27.42
C LEU A 46 16.10 8.14 -26.80
N GLY A 47 17.20 7.39 -26.89
CA GLY A 47 18.47 7.87 -26.39
C GLY A 47 18.75 7.71 -24.91
N HIS A 48 17.85 7.07 -24.18
CA HIS A 48 18.02 6.89 -22.74
C HIS A 48 18.70 5.56 -22.39
N ASP A 49 19.48 5.57 -21.31
CA ASP A 49 20.14 4.36 -20.84
C ASP A 49 19.21 3.73 -19.81
N VAL A 50 18.90 2.45 -19.97
CA VAL A 50 17.97 1.75 -19.11
C VAL A 50 18.51 0.59 -18.27
N ARG A 51 18.11 0.53 -17.00
CA ARG A 51 18.48 -0.59 -16.11
C ARG A 51 17.19 -1.22 -15.63
N ILE A 52 17.14 -2.54 -15.59
CA ILE A 52 15.94 -3.23 -15.15
C ILE A 52 16.20 -4.20 -14.01
N VAL A 53 15.30 -4.21 -13.03
CA VAL A 53 15.43 -5.11 -11.89
C VAL A 53 14.04 -5.64 -11.53
N ARG A 54 13.95 -6.93 -11.23
CA ARG A 54 12.68 -7.56 -10.85
C ARG A 54 12.56 -7.52 -9.34
N ALA A 55 11.48 -6.90 -8.86
CA ALA A 55 11.25 -6.79 -7.42
C ALA A 55 11.22 -8.18 -6.81
N ASP A 56 10.51 -9.09 -7.46
CA ASP A 56 10.39 -10.47 -6.98
C ASP A 56 11.69 -11.25 -7.21
N SER A 57 12.81 -10.72 -6.72
CA SER A 57 14.09 -11.40 -6.87
C SER A 57 14.89 -11.24 -5.59
N ASP A 58 16.06 -11.87 -5.55
CA ASP A 58 16.90 -11.77 -4.37
C ASP A 58 17.91 -10.66 -4.60
N TYR A 59 17.39 -9.45 -4.73
CA TYR A 59 18.22 -8.28 -4.97
C TYR A 59 19.15 -7.95 -3.81
N ASP A 60 20.21 -7.22 -4.13
CA ASP A 60 21.17 -6.77 -3.12
C ASP A 60 20.73 -5.36 -2.79
N VAL A 61 20.24 -5.17 -1.57
CA VAL A 61 19.73 -3.88 -1.15
C VAL A 61 20.68 -2.71 -1.40
N LYS A 62 21.95 -2.86 -1.03
CA LYS A 62 22.90 -1.78 -1.26
C LYS A 62 23.03 -1.45 -2.75
N ALA A 63 23.10 -2.48 -3.58
CA ALA A 63 23.21 -2.27 -5.02
C ALA A 63 21.95 -1.60 -5.56
N GLU A 64 20.82 -1.86 -4.91
CA GLU A 64 19.56 -1.27 -5.36
C GLU A 64 19.59 0.21 -5.08
N VAL A 65 20.10 0.59 -3.92
CA VAL A 65 20.23 2.00 -3.55
C VAL A 65 21.10 2.69 -4.60
N GLN A 66 22.16 2.01 -5.01
CA GLN A 66 23.06 2.56 -6.02
C GLN A 66 22.30 2.74 -7.34
N ASN A 67 21.32 1.90 -7.60
CA ASN A 67 20.53 2.02 -8.82
C ASN A 67 19.75 3.33 -8.78
N PHE A 68 19.24 3.66 -7.59
CA PHE A 68 18.47 4.89 -7.40
C PHE A 68 19.33 6.14 -7.55
N LEU A 69 20.55 6.09 -7.04
CA LEU A 69 21.47 7.23 -7.15
C LEU A 69 21.80 7.41 -8.63
N TRP A 70 21.94 6.29 -9.33
CA TRP A 70 22.26 6.32 -10.75
C TRP A 70 21.08 6.83 -11.60
N ALA A 71 19.87 6.45 -11.22
CA ALA A 71 18.68 6.82 -11.98
C ALA A 71 18.23 8.28 -11.92
N ASP A 72 17.78 8.79 -13.07
CA ASP A 72 17.25 10.14 -13.16
C ASP A 72 15.75 9.97 -13.04
N VAL A 73 15.28 8.81 -13.48
CA VAL A 73 13.87 8.47 -13.44
C VAL A 73 13.66 7.03 -13.04
N VAL A 74 12.68 6.80 -12.18
CA VAL A 74 12.37 5.44 -11.73
C VAL A 74 10.97 5.10 -12.20
N ILE A 75 10.85 4.01 -12.94
CA ILE A 75 9.57 3.56 -13.46
C ILE A 75 9.12 2.30 -12.74
N TRP A 76 7.94 2.36 -12.15
CA TRP A 76 7.38 1.23 -11.43
C TRP A 76 6.34 0.53 -12.30
N GLN A 77 6.75 -0.58 -12.93
CA GLN A 77 5.84 -1.36 -13.76
C GLN A 77 5.26 -2.43 -12.84
N MET A 78 3.96 -2.40 -12.65
CA MET A 78 3.36 -3.36 -11.74
C MET A 78 1.85 -3.56 -11.87
N PRO A 79 1.39 -4.76 -11.50
CA PRO A 79 -0.02 -5.08 -11.58
C PRO A 79 -0.67 -4.64 -10.28
N GLY A 80 -1.94 -4.29 -10.33
CA GLY A 80 -2.63 -3.92 -9.13
C GLY A 80 -2.92 -5.22 -8.39
N TRP A 81 -2.50 -5.30 -7.14
CA TRP A 81 -2.73 -6.48 -6.31
C TRP A 81 -3.39 -6.00 -5.04
N TRP A 82 -4.66 -6.36 -4.86
CA TRP A 82 -5.42 -5.92 -3.71
C TRP A 82 -5.26 -4.42 -3.53
N MET A 83 -5.71 -3.70 -4.55
CA MET A 83 -5.70 -2.24 -4.60
C MET A 83 -4.35 -1.54 -4.62
N GLY A 84 -3.27 -2.29 -4.80
CA GLY A 84 -1.95 -1.67 -4.80
C GLY A 84 -0.81 -2.56 -5.23
N ALA A 85 0.40 -2.14 -4.90
CA ALA A 85 1.59 -2.89 -5.28
C ALA A 85 1.68 -4.26 -4.62
N PRO A 86 2.17 -5.27 -5.36
CA PRO A 86 2.31 -6.62 -4.82
C PRO A 86 3.25 -6.58 -3.62
N TRP A 87 3.08 -7.51 -2.68
CA TRP A 87 3.92 -7.50 -1.49
C TRP A 87 5.41 -7.48 -1.80
N THR A 88 5.80 -8.15 -2.88
CA THR A 88 7.20 -8.18 -3.26
C THR A 88 7.70 -6.81 -3.67
N VAL A 89 6.80 -5.97 -4.18
CA VAL A 89 7.16 -4.62 -4.58
C VAL A 89 7.25 -3.75 -3.34
N LYS A 90 6.35 -3.99 -2.39
CA LYS A 90 6.36 -3.24 -1.13
C LYS A 90 7.63 -3.59 -0.35
N LYS A 91 8.05 -4.86 -0.42
CA LYS A 91 9.24 -5.32 0.28
C LYS A 91 10.47 -4.68 -0.33
N TYR A 92 10.43 -4.48 -1.65
CA TYR A 92 11.55 -3.86 -2.32
C TYR A 92 11.69 -2.46 -1.75
N ILE A 93 10.56 -1.79 -1.56
CA ILE A 93 10.56 -0.44 -1.00
C ILE A 93 11.01 -0.47 0.46
N ASP A 94 10.35 -1.29 1.28
CA ASP A 94 10.73 -1.38 2.69
C ASP A 94 12.19 -1.76 2.87
N ASP A 95 12.75 -2.54 1.94
CA ASP A 95 14.15 -2.94 2.02
C ASP A 95 15.08 -1.87 1.48
N VAL A 96 14.80 -1.41 0.27
CA VAL A 96 15.67 -0.43 -0.42
C VAL A 96 15.59 1.03 0.04
N PHE A 97 14.39 1.59 0.14
CA PHE A 97 14.26 2.97 0.59
C PHE A 97 14.88 3.08 1.98
N THR A 98 14.57 2.12 2.84
CA THR A 98 15.11 2.14 4.19
C THR A 98 16.62 2.10 4.17
N GLU A 99 17.20 1.21 3.38
CA GLU A 99 18.66 1.14 3.28
C GLU A 99 19.11 2.48 2.71
N GLY A 100 18.22 3.12 1.94
CA GLY A 100 18.49 4.40 1.34
C GLY A 100 18.71 5.55 2.32
N HIS A 101 18.64 5.26 3.61
CA HIS A 101 18.85 6.31 4.60
C HIS A 101 20.30 6.81 4.48
N GLY A 102 20.46 8.11 4.31
CA GLY A 102 21.78 8.68 4.17
C GLY A 102 22.08 9.04 2.73
N THR A 103 21.37 8.39 1.80
CA THR A 103 21.59 8.66 0.39
C THR A 103 20.31 9.09 -0.31
N LEU A 104 19.19 8.43 -0.02
CA LEU A 104 17.93 8.77 -0.67
C LEU A 104 17.11 9.75 0.14
N TYR A 105 17.30 9.72 1.45
CA TYR A 105 16.60 10.64 2.35
C TYR A 105 17.40 10.78 3.64
N ALA A 106 17.26 11.94 4.29
CA ALA A 106 17.97 12.21 5.53
C ALA A 106 17.08 11.96 6.74
N SER A 107 15.81 12.33 6.60
CA SER A 107 14.84 12.16 7.68
C SER A 107 13.49 12.59 7.14
N ASP A 108 12.54 12.90 8.02
CA ASP A 108 11.24 13.34 7.54
C ASP A 108 11.21 14.84 7.26
N GLY A 109 12.35 15.49 7.46
CA GLY A 109 12.45 16.92 7.19
C GLY A 109 12.26 17.88 8.34
N ARG A 110 11.38 17.54 9.27
CA ARG A 110 11.13 18.40 10.43
C ARG A 110 12.41 18.70 11.20
N THR A 111 12.56 19.96 11.61
CA THR A 111 13.74 20.37 12.36
C THR A 111 13.50 21.63 13.18
N ARG A 112 14.00 21.61 14.41
CA ARG A 112 13.88 22.74 15.33
C ARG A 112 14.54 23.97 14.75
N LYS A 113 15.53 23.74 13.88
CA LYS A 113 16.26 24.82 13.25
C LYS A 113 15.46 25.51 12.16
N ASP A 114 14.34 24.91 11.76
CA ASP A 114 13.51 25.52 10.73
C ASP A 114 12.08 25.01 10.83
N PRO A 115 11.25 25.70 11.62
CA PRO A 115 9.85 25.33 11.83
C PRO A 115 9.05 25.27 10.53
N SER A 116 9.62 25.81 9.47
CA SER A 116 8.97 25.84 8.16
C SER A 116 8.92 24.47 7.50
N LYS A 117 9.87 23.61 7.83
CA LYS A 117 9.93 22.29 7.25
C LYS A 117 8.94 21.32 7.88
N LYS A 118 8.16 20.67 7.02
CA LYS A 118 7.14 19.73 7.46
C LYS A 118 7.51 18.30 7.08
N TYR A 119 6.77 17.35 7.63
CA TYR A 119 6.97 15.94 7.36
C TYR A 119 7.01 15.71 5.86
N GLY A 120 7.99 14.92 5.42
CA GLY A 120 8.10 14.61 4.00
C GLY A 120 9.13 15.44 3.24
N SER A 121 9.67 16.46 3.89
CA SER A 121 10.63 17.35 3.25
C SER A 121 12.10 16.97 3.49
N GLY A 122 12.34 15.80 4.07
CA GLY A 122 13.71 15.38 4.34
C GLY A 122 14.37 14.52 3.28
N GLY A 123 13.84 14.56 2.05
CA GLY A 123 14.41 13.76 0.98
C GLY A 123 15.78 14.25 0.51
N LEU A 124 16.55 13.36 -0.11
CA LEU A 124 17.88 13.74 -0.61
C LEU A 124 18.00 13.72 -2.12
N VAL A 125 17.01 13.16 -2.80
CA VAL A 125 17.08 13.08 -4.24
C VAL A 125 16.05 13.93 -4.99
N GLN A 126 15.91 15.18 -4.58
CA GLN A 126 15.00 16.09 -5.27
C GLN A 126 15.55 16.20 -6.69
N GLY A 127 14.67 16.33 -7.68
CA GLY A 127 15.17 16.43 -9.04
C GLY A 127 15.00 15.14 -9.82
N LYS A 128 14.97 14.01 -9.13
CA LYS A 128 14.78 12.72 -9.78
C LYS A 128 13.30 12.55 -9.96
N LYS A 129 12.88 11.84 -11.01
CA LYS A 129 11.46 11.63 -11.24
C LYS A 129 11.13 10.16 -11.13
N TYR A 130 9.84 9.86 -10.99
CA TYR A 130 9.38 8.48 -10.92
C TYR A 130 8.07 8.44 -11.68
N MET A 131 7.74 7.29 -12.24
CA MET A 131 6.50 7.15 -12.98
C MET A 131 5.90 5.78 -12.73
N LEU A 132 4.59 5.73 -12.64
CA LEU A 132 3.89 4.48 -12.43
C LEU A 132 3.27 3.99 -13.73
N SER A 133 3.39 2.69 -13.97
CA SER A 133 2.80 2.04 -15.14
C SER A 133 2.09 0.85 -14.55
N LEU A 134 0.76 0.91 -14.53
CA LEU A 134 -0.05 -0.13 -13.91
C LEU A 134 -0.92 -0.97 -14.82
N THR A 135 -1.26 -2.16 -14.33
CA THR A 135 -2.12 -3.10 -15.02
C THR A 135 -3.16 -3.55 -14.00
N TRP A 136 -4.43 -3.33 -14.33
CA TRP A 136 -5.54 -3.69 -13.44
C TRP A 136 -6.68 -4.37 -14.20
N ASN A 137 -7.39 -5.25 -13.50
CA ASN A 137 -8.53 -5.93 -14.08
C ASN A 137 -9.73 -4.96 -13.98
N ALA A 138 -9.63 -4.01 -13.06
CA ALA A 138 -10.68 -3.03 -12.84
C ALA A 138 -10.80 -2.02 -13.99
N PRO A 139 -12.04 -1.58 -14.29
CA PRO A 139 -12.30 -0.63 -15.35
C PRO A 139 -11.92 0.77 -14.87
N MET A 140 -11.67 1.69 -15.82
CA MET A 140 -11.29 3.05 -15.46
C MET A 140 -12.38 3.79 -14.70
N GLU A 141 -13.64 3.52 -15.04
CA GLU A 141 -14.77 4.17 -14.39
C GLU A 141 -14.80 3.89 -12.89
N ALA A 142 -14.21 2.77 -12.48
CA ALA A 142 -14.19 2.42 -11.06
C ALA A 142 -13.30 3.41 -10.31
N PHE A 143 -12.48 4.14 -11.07
CA PHE A 143 -11.57 5.12 -10.50
C PHE A 143 -12.13 6.55 -10.59
N THR A 144 -12.77 6.87 -11.70
CA THR A 144 -13.30 8.20 -11.96
C THR A 144 -14.70 8.53 -11.46
N GLU A 145 -15.64 7.60 -11.64
CA GLU A 145 -17.02 7.83 -11.22
C GLU A 145 -17.14 8.12 -9.72
N LYS A 146 -17.53 9.35 -9.40
CA LYS A 146 -17.68 9.80 -8.01
C LYS A 146 -18.48 8.83 -7.14
N ASP A 147 -19.35 8.06 -7.76
CA ASP A 147 -20.20 7.12 -7.04
C ASP A 147 -19.67 5.69 -6.95
N GLN A 148 -18.60 5.37 -7.66
CA GLN A 148 -18.07 4.01 -7.61
C GLN A 148 -17.05 3.72 -6.50
N PHE A 149 -16.60 2.48 -6.44
CA PHE A 149 -15.67 1.99 -5.41
C PHE A 149 -14.66 2.98 -4.82
N PHE A 150 -13.93 3.70 -5.68
CA PHE A 150 -12.92 4.62 -5.21
C PHE A 150 -13.35 6.07 -4.99
N HIS A 151 -14.65 6.31 -4.88
CA HIS A 151 -15.16 7.65 -4.63
C HIS A 151 -14.74 8.71 -5.65
N GLY A 152 -14.22 8.27 -6.79
CA GLY A 152 -13.80 9.23 -7.80
C GLY A 152 -12.48 9.93 -7.53
N VAL A 153 -11.68 9.39 -6.62
CA VAL A 153 -10.39 10.00 -6.29
C VAL A 153 -9.36 9.79 -7.39
N GLY A 154 -9.66 8.92 -8.34
CA GLY A 154 -8.75 8.66 -9.45
C GLY A 154 -7.68 7.61 -9.17
N VAL A 155 -6.98 7.22 -10.23
CA VAL A 155 -5.90 6.24 -10.12
C VAL A 155 -4.82 6.72 -9.16
N ASP A 156 -4.35 7.95 -9.34
CA ASP A 156 -3.30 8.48 -8.47
C ASP A 156 -3.82 8.67 -7.06
N GLY A 157 -5.13 8.82 -6.93
CA GLY A 157 -5.72 8.96 -5.61
C GLY A 157 -5.53 7.64 -4.91
N VAL A 158 -5.90 6.57 -5.60
CA VAL A 158 -5.77 5.23 -5.04
C VAL A 158 -4.32 4.88 -4.76
N TYR A 159 -3.41 5.45 -5.54
CA TYR A 159 -1.98 5.20 -5.33
C TYR A 159 -1.27 6.29 -4.55
N LEU A 160 -2.05 7.07 -3.81
CA LEU A 160 -1.51 8.18 -3.02
C LEU A 160 -0.33 7.75 -2.15
N PRO A 161 -0.52 6.74 -1.27
CA PRO A 161 0.59 6.32 -0.42
C PRO A 161 1.84 5.85 -1.17
N PHE A 162 1.68 5.29 -2.37
CA PHE A 162 2.83 4.84 -3.15
C PHE A 162 3.57 6.07 -3.64
N HIS A 163 2.82 7.03 -4.18
CA HIS A 163 3.38 8.28 -4.67
C HIS A 163 4.21 8.94 -3.58
N LYS A 164 3.64 9.07 -2.39
CA LYS A 164 4.30 9.72 -1.27
C LYS A 164 5.57 9.01 -0.79
N ALA A 165 5.56 7.68 -0.83
CA ALA A 165 6.73 6.93 -0.42
C ALA A 165 7.87 7.42 -1.29
N ASN A 166 7.57 7.59 -2.58
CA ASN A 166 8.56 8.08 -3.54
C ASN A 166 8.92 9.55 -3.30
N GLN A 167 7.90 10.37 -3.12
CA GLN A 167 8.10 11.80 -2.88
C GLN A 167 8.81 12.08 -1.56
N PHE A 168 8.70 11.15 -0.61
CA PHE A 168 9.34 11.31 0.69
C PHE A 168 10.84 11.43 0.44
N LEU A 169 11.31 10.74 -0.60
CA LEU A 169 12.71 10.76 -1.00
C LEU A 169 13.02 12.06 -1.72
N GLY A 170 11.97 12.79 -2.10
CA GLY A 170 12.16 14.04 -2.80
C GLY A 170 11.91 13.94 -4.29
N MET A 171 11.61 12.74 -4.78
CA MET A 171 11.36 12.59 -6.22
C MET A 171 10.00 13.18 -6.58
N GLU A 172 9.83 13.53 -7.85
CA GLU A 172 8.58 14.11 -8.33
C GLU A 172 7.95 13.20 -9.38
N PRO A 173 6.62 13.09 -9.39
CA PRO A 173 5.89 12.24 -10.33
C PRO A 173 5.79 12.73 -11.78
N LEU A 174 5.64 11.74 -12.67
CA LEU A 174 5.46 11.96 -14.11
C LEU A 174 4.08 11.36 -14.36
N PRO A 175 3.45 11.70 -15.49
CA PRO A 175 2.12 11.14 -15.74
C PRO A 175 2.07 9.62 -15.69
N THR A 176 1.11 9.11 -14.93
CA THR A 176 0.93 7.67 -14.77
C THR A 176 0.29 7.02 -16.00
N PHE A 177 0.67 5.77 -16.25
CA PHE A 177 0.10 5.01 -17.35
C PHE A 177 -0.54 3.76 -16.74
N ILE A 178 -1.77 3.47 -17.16
CA ILE A 178 -2.45 2.30 -16.64
C ILE A 178 -3.25 1.58 -17.71
N ALA A 179 -3.27 0.26 -17.61
CA ALA A 179 -4.02 -0.57 -18.53
C ALA A 179 -5.16 -1.16 -17.70
N ASN A 180 -6.38 -1.06 -18.21
CA ASN A 180 -7.53 -1.56 -17.48
C ASN A 180 -8.19 -2.77 -18.10
N ASP A 181 -8.99 -3.48 -17.30
CA ASP A 181 -9.69 -4.68 -17.75
C ASP A 181 -8.79 -5.63 -18.50
N VAL A 182 -7.59 -5.84 -17.96
CA VAL A 182 -6.60 -6.72 -18.60
C VAL A 182 -6.92 -8.21 -18.55
N ILE A 183 -8.02 -8.58 -17.90
CA ILE A 183 -8.38 -9.99 -17.85
C ILE A 183 -9.65 -10.27 -18.64
N LYS A 184 -10.67 -9.43 -18.47
CA LYS A 184 -11.94 -9.59 -19.19
C LYS A 184 -11.78 -9.14 -20.63
N MET A 185 -11.31 -7.92 -20.81
CA MET A 185 -11.10 -7.34 -22.13
C MET A 185 -9.63 -7.10 -22.43
N PRO A 186 -8.81 -8.16 -22.37
CA PRO A 186 -7.38 -7.92 -22.65
C PRO A 186 -7.19 -7.51 -24.10
N ASP A 187 -6.31 -6.55 -24.32
CA ASP A 187 -6.03 -6.08 -25.66
C ASP A 187 -4.57 -5.67 -25.78
N VAL A 188 -3.74 -6.66 -26.07
CA VAL A 188 -2.31 -6.50 -26.26
C VAL A 188 -2.16 -7.09 -27.67
N PRO A 189 -1.78 -6.29 -28.68
CA PRO A 189 -1.43 -4.87 -28.77
C PRO A 189 -2.51 -3.90 -28.31
N ARG A 190 -2.18 -2.61 -28.40
CA ARG A 190 -3.04 -1.51 -27.98
C ARG A 190 -2.45 -1.00 -26.68
N TYR A 191 -2.43 -1.87 -25.66
CA TYR A 191 -1.83 -1.49 -24.38
C TYR A 191 -0.40 -1.07 -24.74
N THR A 192 0.26 -1.93 -25.50
CA THR A 192 1.64 -1.71 -25.95
C THR A 192 1.79 -0.43 -26.77
N GLU A 193 0.84 -0.17 -27.67
CA GLU A 193 0.89 1.00 -28.52
C GLU A 193 0.61 2.29 -27.74
N GLU A 194 -0.34 2.23 -26.82
CA GLU A 194 -0.68 3.41 -26.03
C GLU A 194 0.47 3.72 -25.06
N TYR A 195 1.05 2.67 -24.48
CA TYR A 195 2.16 2.87 -23.54
C TYR A 195 3.33 3.44 -24.30
N ARG A 196 3.54 2.93 -25.50
CA ARG A 196 4.63 3.37 -26.35
C ARG A 196 4.51 4.86 -26.66
N LYS A 197 3.30 5.31 -26.99
CA LYS A 197 3.12 6.72 -27.29
C LYS A 197 3.17 7.54 -26.01
N HIS A 198 2.76 6.93 -24.91
CA HIS A 198 2.79 7.59 -23.61
C HIS A 198 4.26 7.88 -23.24
N LEU A 199 5.14 6.92 -23.52
CA LEU A 199 6.56 7.08 -23.23
C LEU A 199 7.21 8.12 -24.13
N VAL A 200 6.77 8.19 -25.39
CA VAL A 200 7.33 9.15 -26.33
C VAL A 200 6.96 10.58 -25.94
N GLU A 201 5.72 10.79 -25.50
CA GLU A 201 5.29 12.12 -25.10
C GLU A 201 6.14 12.62 -23.92
N ILE A 202 6.37 11.75 -22.96
CA ILE A 202 7.13 12.09 -21.76
C ILE A 202 8.65 12.11 -21.92
N PHE A 203 9.20 11.07 -22.54
CA PHE A 203 10.65 10.95 -22.69
C PHE A 203 11.18 11.27 -24.08
N GLY A 204 10.27 11.63 -24.99
CA GLY A 204 10.66 11.97 -26.35
C GLY A 204 11.38 13.29 -26.51
N SER B 12 -21.46 -10.22 22.36
CA SER B 12 -20.36 -11.23 22.28
C SER B 12 -19.96 -11.48 20.83
N SER B 13 -18.89 -10.83 20.40
CA SER B 13 -18.41 -10.99 19.04
C SER B 13 -17.07 -11.70 18.96
N ASN B 14 -16.77 -12.23 17.79
CA ASN B 14 -15.49 -12.90 17.55
C ASN B 14 -14.60 -11.83 16.94
N ILE B 15 -13.47 -11.58 17.59
CA ILE B 15 -12.54 -10.56 17.13
C ILE B 15 -11.18 -11.11 16.75
N LEU B 16 -10.78 -10.92 15.50
CA LEU B 16 -9.47 -11.35 15.04
C LEU B 16 -8.55 -10.12 14.93
N ILE B 17 -7.49 -10.12 15.73
CA ILE B 17 -6.54 -9.03 15.70
C ILE B 17 -5.35 -9.54 14.91
N ILE B 18 -4.90 -8.75 13.94
CA ILE B 18 -3.76 -9.11 13.13
C ILE B 18 -2.66 -8.14 13.54
N ASN B 19 -1.71 -8.64 14.31
CA ASN B 19 -0.59 -7.83 14.80
C ASN B 19 0.47 -7.71 13.70
N GLY B 20 0.56 -6.52 13.10
CA GLY B 20 1.52 -6.28 12.05
C GLY B 20 2.90 -5.82 12.53
N ALA B 21 3.18 -6.02 13.82
CA ALA B 21 4.46 -5.63 14.41
C ALA B 21 5.62 -6.39 13.76
N LYS B 22 6.76 -5.70 13.60
CA LYS B 22 7.94 -6.32 12.99
C LYS B 22 9.17 -5.46 13.26
N LYS B 23 10.23 -6.06 13.82
CA LYS B 23 11.45 -5.31 14.11
C LYS B 23 11.98 -4.53 12.91
N PHE B 24 13.06 -5.00 12.30
CA PHE B 24 13.64 -4.31 11.13
C PHE B 24 13.96 -2.82 11.27
N ALA B 25 15.23 -2.47 11.12
CA ALA B 25 15.69 -1.08 11.19
C ALA B 25 15.23 -0.34 12.45
N HIS B 26 14.74 0.89 12.28
CA HIS B 26 14.31 1.69 13.43
C HIS B 26 12.96 1.33 14.02
N SER B 27 12.32 0.29 13.48
CA SER B 27 11.05 -0.15 14.06
C SER B 27 11.33 -1.31 14.99
N ASN B 28 10.82 -1.19 16.20
CA ASN B 28 10.97 -2.24 17.21
C ASN B 28 9.51 -2.47 17.63
N GLY B 29 8.89 -3.46 17.01
CA GLY B 29 7.49 -3.79 17.27
C GLY B 29 6.91 -3.80 18.66
N GLN B 30 7.57 -3.17 19.63
CA GLN B 30 7.05 -3.15 21.00
C GLN B 30 5.74 -2.39 21.12
N LEU B 31 5.64 -1.24 20.46
CA LEU B 31 4.41 -0.45 20.54
C LEU B 31 3.22 -1.23 20.00
N ASN B 32 3.37 -1.80 18.80
CA ASN B 32 2.26 -2.57 18.22
C ASN B 32 1.96 -3.81 19.03
N ASP B 33 2.99 -4.44 19.58
CA ASP B 33 2.80 -5.62 20.43
C ASP B 33 1.99 -5.20 21.64
N THR B 34 2.38 -4.08 22.23
CA THR B 34 1.68 -3.55 23.39
C THR B 34 0.23 -3.20 23.06
N LEU B 35 0.03 -2.48 21.96
CA LEU B 35 -1.33 -2.09 21.57
C LEU B 35 -2.19 -3.29 21.24
N THR B 36 -1.55 -4.35 20.76
CA THR B 36 -2.26 -5.58 20.45
C THR B 36 -2.81 -6.15 21.77
N GLU B 37 -1.94 -6.23 22.77
CA GLU B 37 -2.34 -6.75 24.07
C GLU B 37 -3.43 -5.88 24.69
N VAL B 38 -3.30 -4.57 24.49
CA VAL B 38 -4.28 -3.62 25.02
C VAL B 38 -5.68 -3.93 24.49
N ALA B 39 -5.80 -4.12 23.18
CA ALA B 39 -7.09 -4.43 22.58
C ALA B 39 -7.53 -5.82 23.04
N ASP B 40 -6.56 -6.72 23.18
CA ASP B 40 -6.87 -8.08 23.61
C ASP B 40 -7.53 -8.04 24.97
N GLY B 41 -6.82 -7.47 25.94
CA GLY B 41 -7.34 -7.38 27.30
C GLY B 41 -8.67 -6.66 27.39
N THR B 42 -8.77 -5.50 26.74
CA THR B 42 -9.99 -4.70 26.77
C THR B 42 -11.18 -5.44 26.18
N LEU B 43 -11.03 -5.92 24.95
CA LEU B 43 -12.10 -6.62 24.26
C LEU B 43 -12.60 -7.89 24.95
N ARG B 44 -11.67 -8.76 25.36
CA ARG B 44 -12.10 -9.99 26.03
C ARG B 44 -12.80 -9.65 27.34
N ASP B 45 -12.34 -8.59 27.98
CA ASP B 45 -12.94 -8.15 29.24
C ASP B 45 -14.39 -7.74 29.01
N LEU B 46 -14.68 -7.23 27.82
CA LEU B 46 -16.04 -6.83 27.46
C LEU B 46 -16.87 -8.07 27.11
N GLY B 47 -16.21 -9.22 27.11
CA GLY B 47 -16.90 -10.46 26.81
C GLY B 47 -16.72 -10.97 25.39
N HIS B 48 -15.86 -10.32 24.61
CA HIS B 48 -15.64 -10.75 23.24
C HIS B 48 -14.61 -11.88 23.16
N ASP B 49 -14.79 -12.76 22.18
CA ASP B 49 -13.86 -13.87 21.98
C ASP B 49 -12.81 -13.33 21.04
N VAL B 50 -11.57 -13.25 21.52
CA VAL B 50 -10.48 -12.69 20.74
C VAL B 50 -9.36 -13.65 20.34
N ARG B 51 -8.95 -13.54 19.08
CA ARG B 51 -7.85 -14.35 18.55
C ARG B 51 -6.83 -13.42 17.95
N ILE B 52 -5.56 -13.69 18.24
CA ILE B 52 -4.47 -12.86 17.73
C ILE B 52 -3.58 -13.66 16.79
N VAL B 53 -3.23 -13.05 15.66
CA VAL B 53 -2.34 -13.68 14.69
C VAL B 53 -1.34 -12.63 14.26
N ARG B 54 -0.07 -13.01 14.20
CA ARG B 54 0.99 -12.10 13.79
C ARG B 54 1.16 -12.26 12.29
N ALA B 55 1.15 -11.15 11.56
CA ALA B 55 1.30 -11.19 10.11
C ALA B 55 2.65 -11.79 9.75
N ASP B 56 3.68 -11.38 10.47
CA ASP B 56 5.04 -11.87 10.21
C ASP B 56 5.26 -13.24 10.85
N SER B 57 4.51 -14.23 10.39
CA SER B 57 4.63 -15.58 10.91
C SER B 57 4.42 -16.62 9.81
N ASP B 58 4.63 -17.89 10.14
CA ASP B 58 4.45 -18.98 9.20
C ASP B 58 2.99 -19.38 9.18
N TYR B 59 2.13 -18.43 8.83
CA TYR B 59 0.70 -18.69 8.80
C TYR B 59 0.30 -19.67 7.69
N ASP B 60 -0.83 -20.33 7.88
CA ASP B 60 -1.37 -21.27 6.92
C ASP B 60 -2.55 -20.53 6.29
N VAL B 61 -2.48 -20.23 5.00
CA VAL B 61 -3.57 -19.49 4.36
C VAL B 61 -4.96 -20.08 4.57
N LYS B 62 -5.08 -21.41 4.52
CA LYS B 62 -6.38 -22.03 4.74
C LYS B 62 -6.85 -21.73 6.16
N ALA B 63 -5.94 -21.86 7.12
CA ALA B 63 -6.27 -21.58 8.51
C ALA B 63 -6.67 -20.11 8.68
N GLU B 64 -5.98 -19.21 7.98
CA GLU B 64 -6.30 -17.78 8.10
C GLU B 64 -7.65 -17.45 7.47
N VAL B 65 -7.99 -18.15 6.40
CA VAL B 65 -9.29 -17.93 5.76
C VAL B 65 -10.36 -18.31 6.79
N GLN B 66 -10.14 -19.42 7.50
CA GLN B 66 -11.10 -19.85 8.50
C GLN B 66 -11.24 -18.83 9.62
N ASN B 67 -10.13 -18.21 10.02
CA ASN B 67 -10.18 -17.20 11.09
C ASN B 67 -11.06 -16.04 10.64
N PHE B 68 -11.01 -15.70 9.36
CA PHE B 68 -11.83 -14.63 8.83
C PHE B 68 -13.31 -14.98 8.85
N LEU B 69 -13.66 -16.18 8.39
CA LEU B 69 -15.06 -16.64 8.39
C LEU B 69 -15.58 -16.68 9.82
N TRP B 70 -14.68 -16.99 10.75
CA TRP B 70 -15.01 -17.06 12.17
C TRP B 70 -15.26 -15.68 12.78
N ALA B 71 -14.39 -14.73 12.44
CA ALA B 71 -14.49 -13.37 12.97
C ALA B 71 -15.68 -12.54 12.51
N ASP B 72 -16.12 -11.64 13.39
CA ASP B 72 -17.20 -10.72 13.10
C ASP B 72 -16.50 -9.40 12.83
N VAL B 73 -15.37 -9.22 13.52
CA VAL B 73 -14.58 -8.01 13.39
C VAL B 73 -13.10 -8.37 13.26
N VAL B 74 -12.42 -7.67 12.35
CA VAL B 74 -10.99 -7.89 12.13
C VAL B 74 -10.26 -6.57 12.42
N ILE B 75 -9.31 -6.63 13.35
CA ILE B 75 -8.52 -5.47 13.72
C ILE B 75 -7.14 -5.56 13.12
N TRP B 76 -6.72 -4.50 12.43
CA TRP B 76 -5.40 -4.47 11.83
C TRP B 76 -4.51 -3.53 12.65
N GLN B 77 -3.74 -4.10 13.57
CA GLN B 77 -2.82 -3.32 14.39
C GLN B 77 -1.52 -3.35 13.58
N MET B 78 -1.02 -2.17 13.21
CA MET B 78 0.19 -2.13 12.41
C MET B 78 0.88 -0.77 12.38
N PRO B 79 2.20 -0.77 12.16
CA PRO B 79 2.94 0.49 12.10
C PRO B 79 2.85 1.05 10.69
N GLY B 80 3.14 2.33 10.54
CA GLY B 80 3.12 2.94 9.23
C GLY B 80 4.50 2.71 8.64
N TRP B 81 4.55 2.01 7.51
CA TRP B 81 5.82 1.73 6.84
C TRP B 81 5.72 2.24 5.41
N TRP B 82 6.56 3.21 5.10
CA TRP B 82 6.55 3.83 3.78
C TRP B 82 5.16 4.14 3.28
N MET B 83 4.42 4.88 4.11
CA MET B 83 3.07 5.33 3.82
C MET B 83 1.97 4.28 3.90
N GLY B 84 2.32 3.05 4.28
CA GLY B 84 1.30 2.04 4.37
C GLY B 84 1.68 0.82 5.17
N ALA B 85 0.91 -0.24 4.96
CA ALA B 85 1.15 -1.49 5.64
C ALA B 85 2.52 -2.05 5.31
N PRO B 86 3.20 -2.64 6.31
CA PRO B 86 4.52 -3.23 6.11
C PRO B 86 4.35 -4.29 5.02
N TRP B 87 5.42 -4.62 4.32
CA TRP B 87 5.32 -5.63 3.27
C TRP B 87 4.75 -6.94 3.80
N THR B 88 5.08 -7.25 5.05
CA THR B 88 4.61 -8.49 5.66
C THR B 88 3.10 -8.55 5.80
N VAL B 89 2.49 -7.42 6.14
CA VAL B 89 1.04 -7.37 6.27
C VAL B 89 0.41 -7.48 4.87
N LYS B 90 1.03 -6.86 3.87
CA LYS B 90 0.48 -6.92 2.51
C LYS B 90 0.59 -8.33 1.98
N LYS B 91 1.65 -9.04 2.38
CA LYS B 91 1.87 -10.40 1.93
C LYS B 91 0.81 -11.30 2.56
N TYR B 92 0.42 -10.96 3.78
CA TYR B 92 -0.61 -11.71 4.46
C TYR B 92 -1.89 -11.56 3.64
N ILE B 93 -2.19 -10.33 3.23
CA ILE B 93 -3.37 -10.07 2.44
C ILE B 93 -3.32 -10.74 1.08
N ASP B 94 -2.26 -10.50 0.32
CA ASP B 94 -2.14 -11.13 -1.00
C ASP B 94 -2.32 -12.64 -0.89
N ASP B 95 -1.78 -13.23 0.16
CA ASP B 95 -1.87 -14.67 0.41
C ASP B 95 -3.26 -15.12 0.88
N VAL B 96 -3.70 -14.54 1.98
CA VAL B 96 -4.97 -14.89 2.59
C VAL B 96 -6.23 -14.46 1.85
N PHE B 97 -6.29 -13.22 1.38
CA PHE B 97 -7.48 -12.77 0.65
C PHE B 97 -7.68 -13.56 -0.62
N THR B 98 -6.59 -13.81 -1.32
CA THR B 98 -6.64 -14.55 -2.57
C THR B 98 -7.09 -15.99 -2.31
N GLU B 99 -6.56 -16.57 -1.24
CA GLU B 99 -6.93 -17.93 -0.85
C GLU B 99 -8.42 -17.94 -0.55
N GLY B 100 -8.93 -16.79 -0.10
CA GLY B 100 -10.34 -16.69 0.23
C GLY B 100 -11.30 -16.59 -0.95
N HIS B 101 -10.79 -16.73 -2.18
CA HIS B 101 -11.69 -16.66 -3.33
C HIS B 101 -12.64 -17.85 -3.24
N GLY B 102 -13.94 -17.58 -3.09
CA GLY B 102 -14.92 -18.64 -2.99
C GLY B 102 -15.51 -18.69 -1.59
N THR B 103 -14.92 -17.93 -0.67
CA THR B 103 -15.39 -17.88 0.71
C THR B 103 -15.47 -16.46 1.24
N LEU B 104 -14.43 -15.67 0.99
CA LEU B 104 -14.40 -14.28 1.45
C LEU B 104 -14.89 -13.33 0.36
N TYR B 105 -14.73 -13.74 -0.90
CA TYR B 105 -15.19 -12.94 -2.03
C TYR B 105 -15.37 -13.85 -3.23
N ALA B 106 -16.27 -13.46 -4.12
CA ALA B 106 -16.57 -14.23 -5.33
C ALA B 106 -15.88 -13.65 -6.55
N SER B 107 -15.97 -12.32 -6.69
CA SER B 107 -15.37 -11.61 -7.81
C SER B 107 -15.42 -10.11 -7.52
N ASP B 108 -15.23 -9.28 -8.54
CA ASP B 108 -15.28 -7.84 -8.34
C ASP B 108 -16.71 -7.33 -8.39
N GLY B 109 -17.66 -8.23 -8.60
CA GLY B 109 -19.06 -7.81 -8.66
C GLY B 109 -19.65 -7.71 -10.05
N ARG B 110 -18.84 -7.36 -11.03
CA ARG B 110 -19.32 -7.25 -12.41
C ARG B 110 -19.70 -8.62 -12.96
N THR B 111 -20.77 -8.69 -13.75
CA THR B 111 -21.18 -9.96 -14.32
C THR B 111 -20.23 -10.41 -15.44
N ASP B 114 -26.04 -8.14 -14.00
CA ASP B 114 -25.49 -7.57 -15.23
C ASP B 114 -25.49 -6.05 -15.18
N PRO B 115 -24.87 -5.38 -16.17
CA PRO B 115 -24.81 -3.92 -16.19
C PRO B 115 -25.60 -3.22 -15.09
N SER B 116 -24.91 -2.98 -13.98
CA SER B 116 -25.50 -2.32 -12.81
C SER B 116 -24.54 -2.46 -11.64
N LYS B 117 -24.08 -3.69 -11.41
CA LYS B 117 -23.14 -3.93 -10.31
C LYS B 117 -21.77 -3.47 -10.79
N LYS B 118 -21.13 -2.63 -9.98
CA LYS B 118 -19.83 -2.10 -10.33
C LYS B 118 -18.69 -2.82 -9.63
N TYR B 119 -17.46 -2.43 -9.97
CA TYR B 119 -16.27 -3.03 -9.41
C TYR B 119 -16.28 -2.94 -7.89
N GLY B 120 -15.91 -4.03 -7.23
CA GLY B 120 -15.86 -4.06 -5.78
C GLY B 120 -17.15 -4.47 -5.09
N SER B 121 -18.05 -5.12 -5.83
CA SER B 121 -19.33 -5.52 -5.26
C SER B 121 -19.56 -7.03 -5.25
N GLY B 122 -18.48 -7.80 -5.41
CA GLY B 122 -18.60 -9.25 -5.42
C GLY B 122 -18.10 -9.91 -4.15
N GLY B 123 -18.16 -9.18 -3.04
CA GLY B 123 -17.70 -9.72 -1.78
C GLY B 123 -18.63 -10.80 -1.27
N LEU B 124 -18.17 -11.59 -0.31
CA LEU B 124 -18.99 -12.66 0.25
C LEU B 124 -19.22 -12.53 1.74
N VAL B 125 -18.50 -11.60 2.38
CA VAL B 125 -18.67 -11.45 3.81
C VAL B 125 -19.25 -10.12 4.27
N GLN B 126 -20.30 -9.67 3.56
CA GLN B 126 -20.98 -8.44 3.94
C GLN B 126 -21.42 -8.75 5.36
N GLY B 127 -21.47 -7.74 6.23
CA GLY B 127 -21.87 -8.01 7.60
C GLY B 127 -20.67 -8.04 8.52
N LYS B 128 -19.50 -8.39 7.99
CA LYS B 128 -18.30 -8.41 8.83
C LYS B 128 -17.73 -7.00 8.86
N LYS B 129 -16.94 -6.70 9.89
CA LYS B 129 -16.35 -5.38 10.04
C LYS B 129 -14.84 -5.43 10.21
N TYR B 130 -14.19 -4.29 9.96
CA TYR B 130 -12.75 -4.19 10.11
C TYR B 130 -12.39 -2.80 10.64
N MET B 131 -11.29 -2.74 11.38
CA MET B 131 -10.82 -1.50 11.96
C MET B 131 -9.31 -1.42 11.86
N LEU B 132 -8.80 -0.21 11.64
CA LEU B 132 -7.37 0.03 11.53
C LEU B 132 -6.86 0.66 12.81
N SER B 133 -5.77 0.11 13.34
CA SER B 133 -5.15 0.66 14.55
C SER B 133 -3.70 0.89 14.10
N LEU B 134 -3.36 2.16 13.91
CA LEU B 134 -2.05 2.55 13.39
C LEU B 134 -1.05 3.23 14.33
N THR B 135 0.21 3.18 13.94
CA THR B 135 1.29 3.83 14.68
C THR B 135 2.21 4.47 13.63
N TRP B 136 2.37 5.78 13.71
CA TRP B 136 3.21 6.52 12.77
C TRP B 136 4.15 7.51 13.44
N ASN B 137 5.26 7.77 12.77
CA ASN B 137 6.26 8.73 13.22
C ASN B 137 5.66 10.10 12.87
N ALA B 138 5.05 10.17 11.69
CA ALA B 138 4.43 11.40 11.21
C ALA B 138 3.40 11.98 12.18
N PRO B 139 3.33 13.31 12.27
CA PRO B 139 2.36 13.93 13.17
C PRO B 139 0.99 13.95 12.48
N MET B 140 -0.08 14.14 13.25
CA MET B 140 -1.42 14.17 12.69
C MET B 140 -1.61 15.29 11.68
N GLU B 141 -1.07 16.47 11.99
CA GLU B 141 -1.22 17.63 11.11
C GLU B 141 -0.74 17.32 9.68
N ALA B 142 0.19 16.39 9.55
CA ALA B 142 0.71 16.02 8.24
C ALA B 142 -0.39 15.40 7.39
N PHE B 143 -1.38 14.79 8.05
CA PHE B 143 -2.50 14.14 7.39
C PHE B 143 -3.67 15.08 7.12
N THR B 144 -3.83 16.07 8.00
CA THR B 144 -4.94 16.99 7.90
C THR B 144 -4.71 18.35 7.26
N GLU B 145 -3.52 18.92 7.45
CA GLU B 145 -3.20 20.22 6.88
C GLU B 145 -3.35 20.20 5.37
N LYS B 146 -4.36 20.92 4.87
CA LYS B 146 -4.63 20.98 3.43
C LYS B 146 -3.38 21.21 2.59
N ASP B 147 -2.37 21.87 3.16
CA ASP B 147 -1.15 22.14 2.42
C ASP B 147 0.08 21.33 2.84
N GLN B 148 -0.12 20.32 3.69
CA GLN B 148 1.01 19.50 4.10
C GLN B 148 1.19 18.24 3.24
N PHE B 149 2.18 17.42 3.59
CA PHE B 149 2.52 16.21 2.83
C PHE B 149 1.34 15.44 2.24
N PHE B 150 0.34 15.17 3.08
CA PHE B 150 -0.85 14.50 2.61
C PHE B 150 -1.82 15.66 2.52
N HIS B 151 -2.13 16.01 1.29
CA HIS B 151 -2.99 17.14 0.95
C HIS B 151 -4.34 17.22 1.65
N GLY B 152 -4.34 16.94 2.95
CA GLY B 152 -5.54 17.00 3.74
C GLY B 152 -6.51 15.84 3.58
N VAL B 153 -6.10 14.78 2.88
CA VAL B 153 -7.00 13.64 2.69
C VAL B 153 -7.27 12.88 3.98
N GLY B 154 -6.44 13.09 4.99
CA GLY B 154 -6.65 12.42 6.25
C GLY B 154 -6.03 11.04 6.27
N VAL B 155 -6.07 10.41 7.44
CA VAL B 155 -5.49 9.07 7.61
C VAL B 155 -6.24 8.06 6.75
N ASP B 156 -7.56 8.12 6.76
CA ASP B 156 -8.35 7.20 5.97
C ASP B 156 -8.13 7.39 4.48
N GLY B 157 -7.62 8.55 4.10
CA GLY B 157 -7.34 8.82 2.70
C GLY B 157 -6.03 8.15 2.29
N VAL B 158 -5.02 8.29 3.14
CA VAL B 158 -3.73 7.66 2.88
C VAL B 158 -3.89 6.16 2.87
N TYR B 159 -4.86 5.65 3.63
CA TYR B 159 -5.11 4.21 3.69
C TYR B 159 -6.32 3.78 2.84
N LEU B 160 -6.71 4.62 1.89
CA LEU B 160 -7.85 4.31 1.03
C LEU B 160 -7.75 2.90 0.41
N PRO B 161 -6.61 2.56 -0.21
CA PRO B 161 -6.44 1.23 -0.81
C PRO B 161 -6.56 0.08 0.19
N PHE B 162 -5.96 0.26 1.36
CA PHE B 162 -6.02 -0.78 2.38
C PHE B 162 -7.47 -0.94 2.81
N HIS B 163 -8.18 0.18 2.92
CA HIS B 163 -9.60 0.13 3.28
C HIS B 163 -10.35 -0.65 2.20
N LYS B 164 -10.08 -0.31 0.94
CA LYS B 164 -10.76 -0.94 -0.20
C LYS B 164 -10.44 -2.42 -0.37
N ALA B 165 -9.27 -2.86 0.08
CA ALA B 165 -8.92 -4.27 -0.04
C ALA B 165 -9.91 -5.04 0.83
N ASN B 166 -10.17 -4.49 2.01
CA ASN B 166 -11.10 -5.11 2.95
C ASN B 166 -12.53 -4.95 2.46
N GLN B 167 -12.85 -3.80 1.89
CA GLN B 167 -14.21 -3.56 1.41
C GLN B 167 -14.57 -4.39 0.20
N PHE B 168 -13.54 -4.88 -0.51
CA PHE B 168 -13.73 -5.71 -1.69
C PHE B 168 -14.41 -7.03 -1.31
N LEU B 169 -14.14 -7.47 -0.08
CA LEU B 169 -14.68 -8.72 0.46
C LEU B 169 -16.10 -8.52 0.98
N GLY B 170 -16.57 -7.27 1.02
CA GLY B 170 -17.90 -7.01 1.53
C GLY B 170 -17.87 -6.48 2.95
N MET B 171 -16.68 -6.42 3.54
CA MET B 171 -16.54 -5.92 4.90
C MET B 171 -16.68 -4.41 5.03
N GLU B 172 -17.20 -3.96 6.16
CA GLU B 172 -17.40 -2.54 6.40
C GLU B 172 -16.46 -2.02 7.48
N PRO B 173 -16.01 -0.76 7.34
CA PRO B 173 -15.09 -0.12 8.28
C PRO B 173 -15.66 0.49 9.57
N LEU B 174 -14.84 0.48 10.61
CA LEU B 174 -15.20 1.08 11.89
C LEU B 174 -14.20 2.22 12.07
N PRO B 175 -14.50 3.21 12.93
CA PRO B 175 -13.60 4.35 13.14
C PRO B 175 -12.13 3.97 13.37
N THR B 176 -11.23 4.62 12.65
CA THR B 176 -9.79 4.34 12.74
C THR B 176 -9.11 4.98 13.96
N PHE B 177 -8.18 4.24 14.56
CA PHE B 177 -7.40 4.76 15.68
C PHE B 177 -5.96 4.85 15.22
N ILE B 178 -5.29 5.93 15.59
CA ILE B 178 -3.91 6.12 15.20
C ILE B 178 -3.12 6.88 16.26
N ALA B 179 -1.87 6.48 16.44
CA ALA B 179 -0.99 7.14 17.38
C ALA B 179 0.08 7.79 16.50
N ASN B 180 0.29 9.09 16.68
CA ASN B 180 1.27 9.82 15.88
C ASN B 180 2.53 10.24 16.64
N ASP B 181 3.55 10.63 15.87
CA ASP B 181 4.83 11.05 16.43
C ASP B 181 5.28 10.09 17.52
N VAL B 182 5.22 8.80 17.21
CA VAL B 182 5.58 7.77 18.17
C VAL B 182 7.08 7.56 18.36
N ILE B 183 7.89 8.33 17.64
CA ILE B 183 9.34 8.20 17.77
C ILE B 183 9.92 9.40 18.50
N LYS B 184 9.55 10.58 18.03
CA LYS B 184 10.03 11.83 18.63
C LYS B 184 9.35 12.16 19.94
N MET B 185 8.03 11.97 19.98
CA MET B 185 7.24 12.26 21.17
C MET B 185 6.48 11.04 21.66
N PRO B 186 7.18 9.93 21.93
CA PRO B 186 6.52 8.71 22.40
C PRO B 186 5.70 8.95 23.66
N ASP B 187 4.44 8.52 23.64
CA ASP B 187 3.58 8.72 24.80
C ASP B 187 2.67 7.56 25.12
N VAL B 188 3.25 6.58 25.82
CA VAL B 188 2.54 5.41 26.28
C VAL B 188 2.75 5.57 27.80
N PRO B 189 1.68 5.72 28.59
CA PRO B 189 0.25 5.77 28.29
C PRO B 189 -0.17 7.00 27.50
N ARG B 190 -1.47 7.08 27.24
CA ARG B 190 -2.12 8.15 26.47
C ARG B 190 -2.63 7.44 25.25
N TYR B 191 -1.72 6.75 24.55
CA TYR B 191 -2.09 5.98 23.37
C TYR B 191 -3.00 4.89 23.90
N THR B 192 -2.52 4.22 24.95
CA THR B 192 -3.22 3.13 25.60
C THR B 192 -4.60 3.57 26.09
N GLU B 193 -4.65 4.63 26.89
CA GLU B 193 -5.92 5.10 27.39
C GLU B 193 -6.84 5.50 26.23
N GLU B 194 -6.29 6.19 25.24
CA GLU B 194 -7.09 6.61 24.10
C GLU B 194 -7.66 5.41 23.39
N TYR B 195 -6.78 4.48 23.04
CA TYR B 195 -7.18 3.26 22.34
C TYR B 195 -8.22 2.51 23.13
N ARG B 196 -7.92 2.31 24.41
CA ARG B 196 -8.83 1.63 25.33
C ARG B 196 -10.19 2.29 25.28
N LYS B 197 -10.21 3.62 25.40
CA LYS B 197 -11.46 4.36 25.37
C LYS B 197 -12.08 4.27 23.98
N HIS B 198 -11.22 4.13 22.98
CA HIS B 198 -11.66 4.03 21.59
C HIS B 198 -12.35 2.68 21.36
N LEU B 199 -11.77 1.62 21.93
CA LEU B 199 -12.32 0.28 21.79
C LEU B 199 -13.64 0.12 22.55
N VAL B 200 -13.72 0.71 23.74
CA VAL B 200 -14.94 0.63 24.54
C VAL B 200 -16.10 1.34 23.84
N GLU B 201 -15.80 2.41 23.12
CA GLU B 201 -16.81 3.18 22.40
C GLU B 201 -17.51 2.35 21.32
N ILE B 202 -16.70 1.66 20.52
CA ILE B 202 -17.22 0.86 19.43
C ILE B 202 -17.67 -0.56 19.80
N PHE B 203 -16.95 -1.18 20.73
CA PHE B 203 -17.25 -2.55 21.12
C PHE B 203 -17.90 -2.70 22.49
N GLY B 204 -18.28 -1.58 23.10
CA GLY B 204 -18.92 -1.64 24.40
C GLY B 204 -20.43 -1.47 24.30
#